data_5UBV
#
_entry.id   5UBV
#
_cell.length_a   45.916
_cell.length_b   86.624
_cell.length_c   155.025
_cell.angle_alpha   90.000
_cell.angle_beta   90.000
_cell.angle_gamma   90.000
#
_symmetry.space_group_name_H-M   'P 21 21 21'
#
loop_
_entity.id
_entity.type
_entity.pdbx_description
1 polymer 'ATPase domain of i-AAA protease'
2 non-polymer 'CITRIC ACID'
3 non-polymer "ADENOSINE-5'-DIPHOSPHATE"
4 non-polymer GLYCEROL
5 water water
#
_entity_poly.entity_id   1
_entity_poly.type   'polypeptide(L)'
_entity_poly.pdbx_seq_one_letter_code
;SNARFSDVHGCDEAKEELQELVEFLRNPEKFSNLGGKLPKGVLLVGPPGTGKTLLARAVAGEAGVPFFYMSGSEFDEIYV
GVGAKRVRELFNAAKAKAPSIVFIDELDAIGGRRNSRDATYVRQTLNQLLTEMDGFAQNSGVIILGATNFPESLDKALTR
PGRFDRHVHVSLPDVRGRIAILKHHAKKIKIGSDVNIAAIAARTSGLSGAELENIVNQAAVHASKEKAKAVMQAHFEWAK
DKVIMG
;
_entity_poly.pdbx_strand_id   A,B
#
# COMPACT_ATOMS: atom_id res chain seq x y z
N SER A 1 -25.46 20.14 6.88
CA SER A 1 -25.83 18.82 7.40
C SER A 1 -24.64 17.85 7.31
N ASN A 2 -24.40 17.13 8.39
CA ASN A 2 -23.30 16.18 8.42
C ASN A 2 -23.63 14.95 7.58
N ALA A 3 -22.62 14.11 7.39
CA ALA A 3 -22.79 12.91 6.57
C ALA A 3 -23.63 11.87 7.31
N ARG A 4 -24.19 10.96 6.54
CA ARG A 4 -24.99 9.85 7.08
C ARG A 4 -24.59 8.57 6.38
N PHE A 5 -25.08 7.45 6.91
CA PHE A 5 -24.81 6.17 6.27
C PHE A 5 -25.53 6.04 4.93
N SER A 6 -26.63 6.75 4.75
CA SER A 6 -27.32 6.76 3.46
C SER A 6 -26.52 7.45 2.36
N ASP A 7 -25.41 8.10 2.72
CA ASP A 7 -24.49 8.65 1.73
C ASP A 7 -23.44 7.65 1.27
N VAL A 8 -23.34 6.50 1.92
CA VAL A 8 -22.29 5.52 1.68
C VAL A 8 -22.90 4.32 0.99
N HIS A 9 -22.39 4.00 -0.20
CA HIS A 9 -22.89 2.87 -0.97
C HIS A 9 -21.71 2.09 -1.54
N GLY A 10 -21.96 0.82 -1.85
CA GLY A 10 -20.93 -0.03 -2.40
C GLY A 10 -20.00 -0.66 -1.39
N CYS A 11 -20.30 -0.54 -0.11
CA CYS A 11 -19.55 -1.21 0.95
C CYS A 11 -20.46 -1.40 2.15
N ASP A 12 -21.52 -2.18 1.96
CA ASP A 12 -22.51 -2.40 3.01
C ASP A 12 -21.89 -3.07 4.23
N GLU A 13 -20.91 -3.96 4.01
CA GLU A 13 -20.28 -4.65 5.14
C GLU A 13 -19.54 -3.68 6.05
N ALA A 14 -18.92 -2.65 5.48
CA ALA A 14 -18.17 -1.70 6.30
C ALA A 14 -19.10 -0.88 7.19
N LYS A 15 -20.19 -0.36 6.62
CA LYS A 15 -21.11 0.45 7.41
C LYS A 15 -21.86 -0.39 8.45
N GLU A 16 -22.14 -1.66 8.13
CA GLU A 16 -22.77 -2.53 9.11
C GLU A 16 -21.86 -2.76 10.31
N GLU A 17 -20.57 -2.94 10.07
CA GLU A 17 -19.62 -3.11 11.17
C GLU A 17 -19.46 -1.80 11.96
N LEU A 18 -19.45 -0.67 11.26
CA LEU A 18 -19.26 0.62 11.92
C LEU A 18 -20.51 1.09 12.64
N GLN A 19 -21.66 0.45 12.42
CA GLN A 19 -22.86 0.80 13.19
C GLN A 19 -22.64 0.58 14.68
N GLU A 20 -21.78 -0.38 15.03
CA GLU A 20 -21.45 -0.61 16.43
C GLU A 20 -20.76 0.62 17.03
N LEU A 21 -19.91 1.29 16.25
CA LEU A 21 -19.28 2.51 16.73
C LEU A 21 -20.30 3.61 16.97
N VAL A 22 -21.32 3.69 16.10
CA VAL A 22 -22.38 4.67 16.28
C VAL A 22 -23.14 4.40 17.58
N GLU A 23 -23.47 3.13 17.82
CA GLU A 23 -24.22 2.79 19.02
C GLU A 23 -23.44 3.08 20.29
N PHE A 24 -22.12 2.90 20.25
CA PHE A 24 -21.29 3.24 21.40
C PHE A 24 -21.27 4.74 21.64
N LEU A 25 -21.05 5.53 20.58
CA LEU A 25 -20.96 6.97 20.72
C LEU A 25 -22.29 7.58 21.18
N ARG A 26 -23.41 6.95 20.79
CA ARG A 26 -24.71 7.45 21.21
C ARG A 26 -24.88 7.34 22.72
N ASN A 27 -24.38 6.26 23.31
CA ASN A 27 -24.50 6.03 24.74
C ASN A 27 -23.37 5.12 25.21
N PRO A 28 -22.20 5.67 25.55
CA PRO A 28 -21.09 4.81 25.99
C PRO A 28 -21.37 4.06 27.28
N GLU A 29 -22.18 4.63 28.18
CA GLU A 29 -22.49 3.94 29.42
C GLU A 29 -23.35 2.71 29.18
N LYS A 30 -24.42 2.85 28.39
CA LYS A 30 -25.27 1.71 28.09
C LYS A 30 -24.55 0.65 27.27
N PHE A 31 -23.64 1.07 26.39
CA PHE A 31 -22.89 0.11 25.58
C PHE A 31 -21.99 -0.77 26.44
N SER A 32 -21.32 -0.16 27.42
CA SER A 32 -20.35 -0.89 28.24
C SER A 32 -20.99 -1.85 29.22
N ASN A 33 -22.25 -1.63 29.62
CA ASN A 33 -22.88 -2.45 30.64
C ASN A 33 -23.09 -3.90 30.20
N LEU A 34 -23.04 -4.20 28.91
CA LEU A 34 -23.21 -5.57 28.46
C LEU A 34 -21.92 -6.38 28.55
N GLY A 35 -20.78 -5.74 28.76
CA GLY A 35 -19.52 -6.44 28.86
C GLY A 35 -18.82 -6.61 27.51
N LYS A 37 -16.15 -5.92 25.37
CA LYS A 37 -14.96 -5.13 25.11
C LYS A 37 -15.31 -3.86 24.33
N LEU A 38 -14.70 -2.73 24.73
CA LEU A 38 -14.99 -1.44 24.11
C LEU A 38 -13.94 -1.10 23.07
N PRO A 39 -14.32 -0.43 21.98
CA PRO A 39 -13.34 -0.03 20.98
C PRO A 39 -12.74 1.34 21.26
N LYS A 40 -11.44 1.46 21.01
CA LYS A 40 -10.75 2.73 21.12
C LYS A 40 -10.24 3.25 19.79
N GLY A 41 -9.50 2.41 19.05
CA GLY A 41 -9.00 2.77 17.73
C GLY A 41 -9.37 1.76 16.68
N VAL A 42 -9.95 2.23 15.58
CA VAL A 42 -10.36 1.37 14.46
C VAL A 42 -9.65 1.84 13.20
N LEU A 43 -9.09 0.88 12.45
CA LEU A 43 -8.36 1.17 11.23
C LEU A 43 -9.29 1.02 10.04
N LEU A 44 -9.33 2.05 9.18
CA LEU A 44 -10.01 1.96 7.90
C LEU A 44 -8.97 1.74 6.81
N VAL A 45 -9.07 0.61 6.12
CA VAL A 45 -8.06 0.17 5.17
C VAL A 45 -8.68 0.15 3.78
N GLY A 46 -8.03 0.84 2.84
CA GLY A 46 -8.50 0.85 1.46
C GLY A 46 -7.82 1.88 0.59
N PRO A 47 -7.99 1.74 -0.72
CA PRO A 47 -7.37 2.70 -1.66
C PRO A 47 -8.03 4.06 -1.57
N PRO A 48 -7.42 5.09 -2.16
CA PRO A 48 -8.01 6.43 -2.09
C PRO A 48 -9.38 6.49 -2.77
N GLY A 49 -10.26 7.28 -2.20
CA GLY A 49 -11.57 7.54 -2.80
C GLY A 49 -12.62 6.48 -2.55
N THR A 50 -12.36 5.51 -1.68
CA THR A 50 -13.34 4.47 -1.39
C THR A 50 -14.34 4.90 -0.31
N GLY A 51 -14.20 6.09 0.25
CA GLY A 51 -15.12 6.60 1.22
C GLY A 51 -14.72 6.40 2.67
N LYS A 52 -13.42 6.33 2.96
CA LYS A 52 -12.99 6.18 4.35
C LYS A 52 -13.26 7.45 5.15
N THR A 53 -12.97 8.61 4.57
CA THR A 53 -13.29 9.87 5.24
C THR A 53 -14.80 10.06 5.35
N LEU A 54 -15.54 9.70 4.29
CA LEU A 54 -17.00 9.81 4.34
C LEU A 54 -17.59 8.91 5.42
N LEU A 55 -17.08 7.69 5.54
CA LEU A 55 -17.56 6.79 6.59
C LEU A 55 -17.30 7.38 7.98
N ALA A 56 -16.07 7.86 8.20
CA ALA A 56 -15.74 8.46 9.50
C ALA A 56 -16.67 9.63 9.82
N ARG A 57 -16.87 10.53 8.86
CA ARG A 57 -17.81 11.62 9.06
C ARG A 57 -19.23 11.10 9.23
N ALA A 58 -19.57 10.01 8.55
CA ALA A 58 -20.91 9.44 8.68
C ALA A 58 -21.14 8.84 10.06
N VAL A 59 -20.10 8.23 10.64
CA VAL A 59 -20.23 7.67 11.99
C VAL A 59 -20.50 8.79 12.98
N ALA A 60 -19.83 9.93 12.83
CA ALA A 60 -20.10 11.08 13.70
C ALA A 60 -21.49 11.65 13.46
N GLY A 61 -21.91 11.70 12.19
CA GLY A 61 -23.23 12.23 11.89
C GLY A 61 -24.35 11.33 12.39
N GLU A 62 -24.22 10.02 12.18
CA GLU A 62 -25.22 9.09 12.68
C GLU A 62 -25.32 9.13 14.21
N ALA A 63 -24.17 9.27 14.88
CA ALA A 63 -24.16 9.30 16.34
C ALA A 63 -24.44 10.69 16.89
N GLY A 64 -24.35 11.73 16.07
CA GLY A 64 -24.55 13.09 16.54
C GLY A 64 -23.45 13.58 17.45
N VAL A 65 -22.19 13.33 17.09
CA VAL A 65 -21.06 13.72 17.92
C VAL A 65 -20.11 14.56 17.07
N PRO A 66 -19.30 15.41 17.71
CA PRO A 66 -18.34 16.23 16.95
C PRO A 66 -17.32 15.38 16.22
N PHE A 67 -16.78 15.94 15.14
CA PHE A 67 -15.81 15.29 14.27
C PHE A 67 -14.55 16.15 14.20
N PHE A 68 -13.41 15.56 14.56
CA PHE A 68 -12.13 16.24 14.54
C PHE A 68 -11.21 15.58 13.52
N TYR A 69 -10.62 16.37 12.64
CA TYR A 69 -9.84 15.87 11.52
C TYR A 69 -8.35 16.10 11.74
N MET A 70 -7.54 15.10 11.39
CA MET A 70 -6.09 15.19 11.43
C MET A 70 -5.52 14.38 10.27
N SER A 71 -4.59 14.97 9.53
CA SER A 71 -3.98 14.32 8.38
C SER A 71 -2.53 13.96 8.70
N GLY A 72 -2.19 12.68 8.54
CA GLY A 72 -0.80 12.26 8.65
C GLY A 72 0.12 12.97 7.68
N SER A 73 -0.42 13.47 6.57
CA SER A 73 0.34 14.21 5.57
C SER A 73 0.87 15.53 6.10
N GLU A 74 0.34 16.02 7.23
CA GLU A 74 0.80 17.27 7.81
C GLU A 74 2.26 17.22 8.26
N PHE A 75 2.89 16.04 8.21
CA PHE A 75 4.29 15.88 8.58
C PHE A 75 5.13 15.39 7.40
N ASP A 76 4.67 15.61 6.16
CA ASP A 76 5.38 15.10 5.00
C ASP A 76 6.69 15.85 4.77
N GLU A 77 6.68 17.18 4.93
CA GLU A 77 7.89 17.95 4.70
C GLU A 77 8.99 17.59 5.69
N ILE A 78 8.62 17.38 6.96
CA ILE A 78 9.58 17.03 7.99
C ILE A 78 8.86 16.48 9.21
N VAL A 80 7.86 19.97 9.64
CA VAL A 80 7.92 21.42 9.77
C VAL A 80 7.82 21.83 11.23
N GLY A 81 6.61 21.81 11.77
CA GLY A 81 6.36 22.23 13.13
C GLY A 81 6.35 21.07 14.11
N VAL A 82 6.09 21.40 15.37
CA VAL A 82 6.07 20.43 16.45
C VAL A 82 4.84 19.53 16.27
N GLY A 83 5.08 18.26 15.97
CA GLY A 83 3.97 17.33 15.78
C GLY A 83 3.27 16.99 17.09
N ALA A 84 4.02 16.81 18.16
CA ALA A 84 3.42 16.44 19.44
C ALA A 84 2.47 17.52 19.96
N LYS A 85 2.80 18.80 19.73
CA LYS A 85 1.89 19.86 20.11
C LYS A 85 0.60 19.80 19.31
N ARG A 86 0.70 19.45 18.02
CA ARG A 86 -0.48 19.29 17.20
C ARG A 86 -1.35 18.13 17.69
N VAL A 87 -0.71 17.01 18.04
CA VAL A 87 -1.47 15.84 18.49
C VAL A 87 -2.12 16.09 19.84
N ARG A 88 -1.38 16.73 20.76
CA ARG A 88 -1.92 16.98 22.10
C ARG A 88 -3.14 17.90 22.05
N GLU A 89 -3.04 18.99 21.29
CA GLU A 89 -4.15 19.95 21.27
C GLU A 89 -5.40 19.38 20.60
N LEU A 90 -5.21 18.54 19.57
CA LEU A 90 -6.37 17.94 18.91
C LEU A 90 -7.17 17.06 19.87
N PHE A 91 -6.48 16.18 20.60
CA PHE A 91 -7.17 15.28 21.51
C PHE A 91 -7.76 16.02 22.71
N ASN A 92 -7.13 17.11 23.15
CA ASN A 92 -7.71 17.91 24.22
C ASN A 92 -9.05 18.49 23.79
N ALA A 93 -9.15 18.95 22.54
CA ALA A 93 -10.43 19.44 22.04
C ALA A 93 -11.44 18.31 21.93
N ALA A 94 -10.99 17.12 21.51
CA ALA A 94 -11.89 15.98 21.40
C ALA A 94 -12.35 15.49 22.77
N LYS A 95 -11.43 15.42 23.74
CA LYS A 95 -11.81 14.98 25.07
C LYS A 95 -12.81 15.94 25.71
N ALA A 96 -12.62 17.25 25.50
CA ALA A 96 -13.52 18.24 26.05
C ALA A 96 -14.92 18.16 25.43
N LYS A 97 -15.04 17.59 24.24
CA LYS A 97 -16.32 17.46 23.55
C LYS A 97 -16.78 16.01 23.46
N ALA A 98 -16.24 15.14 24.30
CA ALA A 98 -16.61 13.73 24.30
C ALA A 98 -18.08 13.54 24.67
N PRO A 99 -18.76 12.57 24.03
CA PRO A 99 -18.27 11.65 23.00
C PRO A 99 -17.97 12.34 21.67
N SER A 100 -16.92 11.89 20.98
CA SER A 100 -16.47 12.54 19.76
C SER A 100 -15.65 11.56 18.94
N ILE A 101 -15.32 11.96 17.72
CA ILE A 101 -14.55 11.16 16.79
C ILE A 101 -13.30 11.93 16.40
N VAL A 102 -12.15 11.26 16.46
CA VAL A 102 -10.90 11.78 15.91
C VAL A 102 -10.54 10.93 14.70
N PHE A 103 -10.46 11.56 13.53
CA PHE A 103 -10.12 10.87 12.29
C PHE A 103 -8.70 11.26 11.90
N ILE A 104 -7.82 10.26 11.83
CA ILE A 104 -6.42 10.47 11.44
C ILE A 104 -6.26 9.92 10.03
N ASP A 105 -6.27 10.82 9.05
CA ASP A 105 -5.99 10.42 7.67
C ASP A 105 -4.51 10.10 7.52
N GLU A 106 -4.21 9.13 6.64
CA GLU A 106 -2.84 8.75 6.32
C GLU A 106 -2.05 8.41 7.58
N LEU A 107 -2.61 7.52 8.40
CA LEU A 107 -1.97 7.10 9.63
C LEU A 107 -0.60 6.46 9.40
N ASP A 108 -0.36 5.92 8.21
CA ASP A 108 0.95 5.32 7.91
C ASP A 108 2.08 6.33 7.98
N ALA A 109 1.78 7.63 7.82
CA ALA A 109 2.82 8.65 7.86
C ALA A 109 3.39 8.81 9.26
N ILE A 110 2.54 8.69 10.28
CA ILE A 110 2.99 8.85 11.66
C ILE A 110 3.75 7.61 12.10
N GLY A 111 4.94 7.81 12.66
CA GLY A 111 5.79 6.69 13.01
C GLY A 111 6.51 6.04 11.85
N GLY A 112 6.61 6.73 10.71
CA GLY A 112 7.36 6.20 9.60
C GLY A 112 8.84 6.19 9.86
N ARG A 113 9.56 5.40 9.06
CA ARG A 113 11.00 5.26 9.20
C ARG A 113 11.70 6.60 8.99
N ARG A 114 11.65 7.11 7.75
CA ARG A 114 12.23 8.40 7.39
C ARG A 114 13.72 8.45 7.70
N ASN A 115 14.29 9.65 7.74
CA ASN A 115 15.72 9.84 7.90
C ASN A 115 16.11 9.86 9.37
N SER A 116 17.41 9.67 9.62
CA SER A 116 17.92 9.78 10.99
C SER A 116 17.76 11.19 11.52
N ARG A 117 17.80 12.20 10.64
CA ARG A 117 17.49 13.56 11.06
C ARG A 117 16.02 13.68 11.44
N ASP A 118 15.14 12.98 10.73
CA ASP A 118 13.72 12.95 11.06
C ASP A 118 13.41 12.17 12.33
N ALA A 119 14.37 11.42 12.86
CA ALA A 119 14.08 10.45 13.92
C ALA A 119 13.50 11.13 15.16
N THR A 120 14.14 12.22 15.60
CA THR A 120 13.64 12.90 16.80
C THR A 120 12.29 13.56 16.55
N TYR A 121 12.03 14.02 15.33
CA TYR A 121 10.74 14.61 15.01
C TYR A 121 9.66 13.54 14.94
N VAL A 122 9.95 12.40 14.30
CA VAL A 122 8.96 11.35 14.13
C VAL A 122 8.63 10.68 15.46
N ARG A 123 9.65 10.45 16.29
CA ARG A 123 9.43 9.73 17.54
C ARG A 123 8.53 10.53 18.49
N GLN A 124 8.74 11.84 18.57
CA GLN A 124 7.95 12.64 19.50
C GLN A 124 6.49 12.71 19.06
N THR A 125 6.24 12.79 17.75
CA THR A 125 4.87 12.81 17.26
C THR A 125 4.18 11.47 17.50
N LEU A 126 4.89 10.37 17.22
CA LEU A 126 4.32 9.04 17.43
C LEU A 126 4.03 8.78 18.90
N ASN A 127 5.01 9.07 19.78
CA ASN A 127 4.81 8.83 21.20
C ASN A 127 3.67 9.68 21.76
N GLN A 128 3.48 10.89 21.23
CA GLN A 128 2.37 11.71 21.70
C GLN A 128 1.03 11.07 21.35
N LEU A 129 0.90 10.55 20.13
CA LEU A 129 -0.32 9.82 19.76
C LEU A 129 -0.51 8.60 20.65
N LEU A 130 0.57 7.85 20.91
CA LEU A 130 0.47 6.68 21.78
C LEU A 130 0.09 7.08 23.19
N THR A 131 0.58 8.23 23.67
CA THR A 131 0.25 8.67 25.01
C THR A 131 -1.23 9.04 25.12
N GLU A 132 -1.77 9.73 24.12
CA GLU A 132 -3.18 10.12 24.17
C GLU A 132 -4.09 8.90 24.13
N MET A 133 -3.78 7.92 23.28
CA MET A 133 -4.59 6.71 23.21
C MET A 133 -4.55 5.94 24.52
N ASP A 134 -3.34 5.74 25.07
CA ASP A 134 -3.21 5.02 26.34
C ASP A 134 -3.85 5.79 27.50
N GLY A 135 -4.01 7.10 27.37
CA GLY A 135 -4.56 7.94 28.42
C GLY A 135 -6.06 7.95 28.54
N PHE A 136 -6.79 7.32 27.63
CA PHE A 136 -8.25 7.32 27.70
C PHE A 136 -8.67 6.34 28.78
N ALA A 137 -9.27 6.86 29.85
CA ALA A 137 -9.80 6.04 30.93
C ALA A 137 -11.24 5.61 30.65
N GLN A 138 -11.61 4.47 31.26
CA GLN A 138 -12.99 4.00 31.39
C GLN A 138 -13.84 4.24 30.15
N ASN A 139 -14.89 5.04 30.30
CA ASN A 139 -15.77 5.40 29.19
C ASN A 139 -15.46 6.82 28.73
N SER A 140 -14.28 6.98 28.11
CA SER A 140 -13.83 8.31 27.74
C SER A 140 -14.67 8.92 26.62
N GLY A 141 -15.31 8.10 25.80
CA GLY A 141 -16.19 8.60 24.75
C GLY A 141 -15.52 8.92 23.43
N VAL A 142 -14.20 8.88 23.34
CA VAL A 142 -13.48 9.30 22.15
C VAL A 142 -13.11 8.08 21.32
N ILE A 143 -13.62 8.03 20.08
CA ILE A 143 -13.30 6.99 19.12
C ILE A 143 -12.29 7.55 18.13
N ILE A 144 -11.23 6.80 17.87
CA ILE A 144 -10.16 7.22 16.97
C ILE A 144 -10.23 6.34 15.73
N LEU A 145 -10.50 6.96 14.58
CA LEU A 145 -10.52 6.26 13.30
C LEU A 145 -9.30 6.66 12.50
N GLY A 146 -8.50 5.67 12.11
CA GLY A 146 -7.31 5.89 11.32
C GLY A 146 -7.45 5.26 9.95
N ALA A 147 -7.21 6.06 8.92
CA ALA A 147 -7.32 5.63 7.54
C ALA A 147 -5.94 5.45 6.94
N THR A 148 -5.74 4.35 6.23
CA THR A 148 -4.47 4.10 5.57
C THR A 148 -4.69 3.25 4.33
N ASN A 149 -3.87 3.51 3.31
CA ASN A 149 -3.82 2.67 2.12
C ASN A 149 -2.76 1.59 2.24
N PHE A 150 -1.85 1.72 3.20
CA PHE A 150 -0.72 0.80 3.35
C PHE A 150 -0.69 0.34 4.80
N PRO A 151 -1.51 -0.65 5.15
CA PRO A 151 -1.48 -1.16 6.53
C PRO A 151 -0.17 -1.83 6.91
N GLU A 152 0.56 -2.37 5.94
CA GLU A 152 1.86 -2.95 6.23
C GLU A 152 2.90 -1.90 6.59
N SER A 153 2.65 -0.64 6.24
CA SER A 153 3.56 0.46 6.53
C SER A 153 3.33 1.07 7.90
N LEU A 154 2.31 0.63 8.64
CA LEU A 154 2.04 1.20 9.95
C LEU A 154 3.12 0.78 10.95
N ASP A 155 3.40 1.66 11.90
CA ASP A 155 4.31 1.32 12.98
C ASP A 155 3.70 0.25 13.86
N LYS A 156 4.53 -0.69 14.31
CA LYS A 156 4.02 -1.80 15.12
C LYS A 156 3.43 -1.31 16.44
N ALA A 157 3.90 -0.17 16.94
CA ALA A 157 3.35 0.37 18.18
C ALA A 157 1.89 0.80 18.02
N LEU A 158 1.51 1.21 16.81
CA LEU A 158 0.16 1.69 16.57
C LEU A 158 -0.87 0.57 16.64
N THR A 159 -0.51 -0.63 16.21
CA THR A 159 -1.45 -1.74 16.11
C THR A 159 -1.42 -2.67 17.33
N ARG A 160 -0.73 -2.29 18.40
CA ARG A 160 -0.70 -3.11 19.60
C ARG A 160 -2.07 -3.13 20.26
N PRO A 161 -2.36 -4.17 21.05
CA PRO A 161 -3.66 -4.23 21.75
C PRO A 161 -3.87 -3.02 22.64
N GLY A 162 -5.10 -2.49 22.59
CA GLY A 162 -5.43 -1.27 23.29
C GLY A 162 -5.31 -0.02 22.45
N ARG A 163 -4.84 -0.14 21.20
CA ARG A 163 -4.66 1.01 20.33
C ARG A 163 -5.47 0.74 19.07
N PHE A 164 -4.83 0.70 17.90
CA PHE A 164 -5.52 0.37 16.65
C PHE A 164 -5.52 -1.15 16.45
N ASP A 165 -6.32 -1.83 17.25
CA ASP A 165 -6.38 -3.29 17.23
C ASP A 165 -7.61 -3.84 16.52
N ARG A 166 -8.41 -2.98 15.87
CA ARG A 166 -9.52 -3.43 15.05
C ARG A 166 -9.46 -2.70 13.71
N HIS A 167 -9.84 -3.40 12.64
CA HIS A 167 -9.77 -2.83 11.31
C HIS A 167 -11.04 -3.15 10.54
N VAL A 168 -11.32 -2.31 9.54
CA VAL A 168 -12.47 -2.46 8.66
C VAL A 168 -12.00 -2.15 7.23
N HIS A 169 -12.13 -3.11 6.33
CA HIS A 169 -11.70 -2.92 4.96
C HIS A 169 -12.75 -2.13 4.18
N VAL A 170 -12.31 -1.12 3.46
CA VAL A 170 -13.17 -0.30 2.61
C VAL A 170 -12.60 -0.39 1.20
N SER A 171 -12.98 -1.44 0.47
CA SER A 171 -12.36 -1.76 -0.80
C SER A 171 -13.01 -0.99 -1.94
N LEU A 172 -12.44 -1.14 -3.13
CA LEU A 172 -13.04 -0.59 -4.33
C LEU A 172 -14.34 -1.33 -4.63
N PRO A 173 -15.40 -0.63 -5.05
CA PRO A 173 -16.69 -1.30 -5.24
C PRO A 173 -16.67 -2.25 -6.43
N ASP A 174 -17.38 -3.36 -6.28
CA ASP A 174 -17.61 -4.25 -7.41
C ASP A 174 -18.69 -3.67 -8.32
N VAL A 175 -19.07 -4.43 -9.34
CA VAL A 175 -20.04 -3.93 -10.31
C VAL A 175 -21.38 -3.62 -9.64
N ARG A 176 -21.78 -4.45 -8.67
CA ARG A 176 -23.01 -4.17 -7.93
C ARG A 176 -22.88 -2.90 -7.11
N GLY A 177 -21.73 -2.71 -6.45
CA GLY A 177 -21.52 -1.49 -5.68
C GLY A 177 -21.46 -0.25 -6.55
N ARG A 178 -20.81 -0.36 -7.72
CA ARG A 178 -20.73 0.79 -8.62
C ARG A 178 -22.11 1.20 -9.12
N ILE A 179 -22.97 0.22 -9.37
CA ILE A 179 -24.36 0.54 -9.71
C ILE A 179 -25.02 1.31 -8.58
N ALA A 180 -24.86 0.84 -7.35
CA ALA A 180 -25.46 1.52 -6.21
C ALA A 180 -24.90 2.92 -6.04
N ILE A 181 -23.59 3.09 -6.23
CA ILE A 181 -22.98 4.41 -6.10
C ILE A 181 -23.47 5.34 -7.21
N LEU A 182 -23.45 4.86 -8.45
CA LEU A 182 -23.92 5.67 -9.57
C LEU A 182 -25.38 6.06 -9.39
N LYS A 183 -26.23 5.09 -9.01
CA LYS A 183 -27.65 5.38 -8.83
C LYS A 183 -27.89 6.39 -7.72
N HIS A 184 -27.12 6.29 -6.63
CA HIS A 184 -27.32 7.20 -5.50
C HIS A 184 -27.04 8.65 -5.91
N HIS A 185 -25.90 8.89 -6.56
CA HIS A 185 -25.58 10.25 -6.97
C HIS A 185 -26.42 10.70 -8.15
N ALA A 186 -26.95 9.76 -8.94
CA ALA A 186 -27.87 10.12 -10.02
C ALA A 186 -29.25 10.53 -9.51
N LYS A 187 -29.52 10.35 -8.21
CA LYS A 187 -30.78 10.84 -7.66
C LYS A 187 -30.88 12.36 -7.77
N LYS A 188 -29.74 13.05 -7.83
CA LYS A 188 -29.69 14.50 -7.87
C LYS A 188 -29.67 15.07 -9.28
N ILE A 189 -29.78 14.23 -10.30
CA ILE A 189 -29.76 14.70 -11.69
C ILE A 189 -31.01 14.22 -12.40
N LYS A 190 -31.36 14.91 -13.48
CA LYS A 190 -32.49 14.55 -14.32
C LYS A 190 -32.00 13.50 -15.31
N ILE A 191 -32.32 12.23 -15.02
CA ILE A 191 -31.80 11.11 -15.80
C ILE A 191 -32.55 11.01 -17.12
N GLY A 192 -31.79 10.81 -18.21
CA GLY A 192 -32.37 10.70 -19.53
C GLY A 192 -33.03 9.37 -19.78
N SER A 193 -33.67 9.28 -20.95
CA SER A 193 -34.43 8.09 -21.32
C SER A 193 -33.57 6.94 -21.79
N ASP A 194 -32.33 7.22 -22.22
CA ASP A 194 -31.44 6.19 -22.74
C ASP A 194 -30.32 5.83 -21.77
N VAL A 195 -30.37 6.34 -20.54
CA VAL A 195 -29.30 6.10 -19.59
C VAL A 195 -29.35 4.66 -19.11
N ASN A 196 -28.23 3.96 -19.24
CA ASN A 196 -28.07 2.60 -18.72
C ASN A 196 -26.93 2.64 -17.70
N ILE A 197 -27.30 2.78 -16.42
CA ILE A 197 -26.29 2.87 -15.37
C ILE A 197 -25.52 1.56 -15.23
N ALA A 198 -26.18 0.43 -15.48
CA ALA A 198 -25.49 -0.86 -15.40
C ALA A 198 -24.37 -0.97 -16.42
N ALA A 199 -24.59 -0.43 -17.62
CA ALA A 199 -23.54 -0.44 -18.64
C ALA A 199 -22.36 0.41 -18.21
N ILE A 200 -22.62 1.55 -17.58
CA ILE A 200 -21.55 2.42 -17.11
C ILE A 200 -20.75 1.73 -16.02
N ALA A 201 -21.44 1.10 -15.06
CA ALA A 201 -20.75 0.39 -14.00
C ALA A 201 -19.92 -0.76 -14.54
N ALA A 202 -20.36 -1.39 -15.63
CA ALA A 202 -19.59 -2.45 -16.25
C ALA A 202 -18.35 -1.93 -16.97
N ARG A 203 -18.31 -0.63 -17.28
CA ARG A 203 -17.17 -0.02 -17.95
C ARG A 203 -16.27 0.76 -17.01
N THR A 204 -16.48 0.65 -15.69
CA THR A 204 -15.73 1.43 -14.71
C THR A 204 -15.10 0.54 -13.65
N SER A 205 -14.68 -0.67 -14.03
CA SER A 205 -14.05 -1.58 -13.07
C SER A 205 -12.71 -1.01 -12.62
N GLY A 206 -12.56 -0.84 -11.30
CA GLY A 206 -11.37 -0.26 -10.73
C GLY A 206 -11.53 1.16 -10.24
N LEU A 207 -12.67 1.79 -10.52
CA LEU A 207 -12.90 3.16 -10.10
C LEU A 207 -13.41 3.21 -8.66
N SER A 208 -13.07 4.30 -7.99
CA SER A 208 -13.52 4.54 -6.63
C SER A 208 -14.87 5.25 -6.62
N GLY A 209 -15.50 5.28 -5.44
CA GLY A 209 -16.76 5.99 -5.30
C GLY A 209 -16.64 7.47 -5.61
N ALA A 210 -15.49 8.06 -5.33
CA ALA A 210 -15.28 9.47 -5.67
C ALA A 210 -15.27 9.68 -7.18
N GLU A 211 -14.56 8.80 -7.91
CA GLU A 211 -14.54 8.91 -9.37
C GLU A 211 -15.92 8.65 -9.96
N LEU A 212 -16.68 7.71 -9.38
CA LEU A 212 -18.03 7.45 -9.86
C LEU A 212 -18.93 8.65 -9.63
N GLU A 213 -18.82 9.30 -8.47
CA GLU A 213 -19.57 10.54 -8.24
C GLU A 213 -19.13 11.61 -9.22
N ASN A 214 -17.84 11.67 -9.53
CA ASN A 214 -17.35 12.65 -10.50
C ASN A 214 -17.95 12.41 -11.87
N ILE A 215 -18.16 11.14 -12.24
CA ILE A 215 -18.76 10.84 -13.54
C ILE A 215 -20.18 11.39 -13.62
N VAL A 216 -20.97 11.20 -12.57
CA VAL A 216 -22.34 11.69 -12.56
C VAL A 216 -22.36 13.21 -12.66
N ASN A 217 -21.51 13.87 -11.87
CA ASN A 217 -21.51 15.34 -11.86
C ASN A 217 -20.95 15.90 -13.17
N GLN A 218 -19.94 15.27 -13.75
CA GLN A 218 -19.39 15.76 -15.01
C GLN A 218 -20.36 15.52 -16.16
N ALA A 219 -21.14 14.44 -16.11
CA ALA A 219 -22.14 14.21 -17.15
C ALA A 219 -23.26 15.25 -17.08
N ALA A 220 -23.67 15.63 -15.87
CA ALA A 220 -24.71 16.64 -15.72
C ALA A 220 -24.23 18.01 -16.21
N VAL A 221 -22.99 18.39 -15.86
CA VAL A 221 -22.44 19.65 -16.33
C VAL A 221 -22.33 19.65 -17.86
N HIS A 222 -21.83 18.55 -18.42
CA HIS A 222 -21.70 18.47 -19.88
C HIS A 222 -23.06 18.54 -20.56
N ALA A 223 -24.07 17.89 -19.97
CA ALA A 223 -25.42 17.97 -20.52
C ALA A 223 -25.97 19.39 -20.43
N SER A 224 -25.64 20.09 -19.34
CA SER A 224 -26.10 21.47 -19.18
C SER A 224 -25.41 22.39 -20.19
N LYS A 225 -24.13 22.17 -20.46
CA LYS A 225 -23.40 23.00 -21.42
C LYS A 225 -23.99 22.86 -22.81
N GLU A 226 -24.41 21.66 -23.19
CA GLU A 226 -25.05 21.43 -24.48
C GLU A 226 -26.52 21.86 -24.49
N LYS A 227 -27.03 22.40 -23.38
CA LYS A 227 -28.42 22.84 -23.26
C LYS A 227 -29.40 21.71 -23.47
N ALA A 228 -28.98 20.48 -23.18
CA ALA A 228 -29.87 19.33 -23.27
C ALA A 228 -30.93 19.40 -22.16
N LYS A 229 -32.05 18.73 -22.40
CA LYS A 229 -33.13 18.72 -21.43
C LYS A 229 -32.93 17.68 -20.34
N ALA A 230 -32.04 16.72 -20.55
CA ALA A 230 -31.75 15.71 -19.54
C ALA A 230 -30.38 15.12 -19.81
N VAL A 231 -29.82 14.50 -18.77
CA VAL A 231 -28.50 13.88 -18.87
C VAL A 231 -28.66 12.54 -19.58
N MET A 232 -28.03 12.41 -20.75
CA MET A 232 -28.19 11.25 -21.61
C MET A 232 -27.03 10.28 -21.44
N GLN A 233 -27.13 9.14 -22.12
CA GLN A 233 -26.08 8.13 -22.05
C GLN A 233 -24.78 8.65 -22.65
N ALA A 234 -24.87 9.42 -23.74
CA ALA A 234 -23.68 10.01 -24.34
C ALA A 234 -22.96 10.93 -23.37
N HIS A 235 -23.71 11.63 -22.51
CA HIS A 235 -23.08 12.48 -21.50
C HIS A 235 -22.37 11.64 -20.45
N PHE A 236 -22.97 10.52 -20.05
CA PHE A 236 -22.31 9.60 -19.13
C PHE A 236 -21.06 8.99 -19.76
N GLU A 237 -21.15 8.60 -21.04
CA GLU A 237 -19.99 8.03 -21.72
C GLU A 237 -18.88 9.05 -21.83
N TRP A 238 -19.22 10.31 -22.11
CA TRP A 238 -18.21 11.36 -22.16
C TRP A 238 -17.57 11.58 -20.80
N ALA A 239 -18.40 11.66 -19.75
CA ALA A 239 -17.87 11.88 -18.41
C ALA A 239 -17.04 10.69 -17.95
N LYS A 240 -17.46 9.48 -18.30
CA LYS A 240 -16.69 8.29 -17.96
C LYS A 240 -15.29 8.35 -18.56
N ASP A 241 -15.19 8.66 -19.85
CA ASP A 241 -13.88 8.74 -20.49
C ASP A 241 -13.02 9.85 -19.89
N LYS A 242 -13.65 10.96 -19.51
CA LYS A 242 -12.89 12.07 -18.92
C LYS A 242 -12.33 11.69 -17.55
N VAL A 243 -13.12 11.01 -16.73
CA VAL A 243 -12.65 10.62 -15.40
C VAL A 243 -11.61 9.50 -15.50
N ILE A 244 -11.78 8.59 -16.44
CA ILE A 244 -10.86 7.47 -16.56
C ILE A 244 -9.51 7.94 -17.11
N MET A 245 -9.53 8.82 -18.10
CA MET A 245 -8.27 9.33 -18.64
C MET A 245 -7.57 10.26 -17.66
N GLY A 246 -8.31 10.84 -16.72
CA GLY A 246 -7.72 11.69 -15.69
C GLY A 246 -7.19 13.01 -16.20
N ASN B 2 11.13 -2.46 7.20
CA ASN B 2 11.24 -3.82 7.73
C ASN B 2 12.43 -4.55 7.11
N ALA B 3 12.50 -4.54 5.78
CA ALA B 3 13.56 -5.22 5.08
C ALA B 3 14.89 -4.49 5.23
N ARG B 4 15.98 -5.26 5.30
CA ARG B 4 17.33 -4.73 5.37
C ARG B 4 18.24 -5.59 4.49
N PHE B 5 19.46 -5.12 4.29
CA PHE B 5 20.43 -5.90 3.52
C PHE B 5 20.83 -7.17 4.25
N SER B 6 20.76 -7.18 5.58
CA SER B 6 21.05 -8.39 6.34
C SER B 6 20.01 -9.49 6.14
N ASP B 7 18.89 -9.18 5.49
CA ASP B 7 17.91 -10.19 5.12
C ASP B 7 18.19 -10.82 3.76
N VAL B 8 19.15 -10.29 3.01
CA VAL B 8 19.42 -10.71 1.64
C VAL B 8 20.73 -11.50 1.63
N HIS B 9 20.66 -12.73 1.13
CA HIS B 9 21.82 -13.61 1.08
C HIS B 9 21.90 -14.28 -0.29
N GLY B 10 23.12 -14.72 -0.65
CA GLY B 10 23.34 -15.40 -1.90
C GLY B 10 23.51 -14.52 -3.11
N CYS B 11 23.49 -13.20 -2.95
CA CYS B 11 23.67 -12.28 -4.07
CA CYS B 11 23.67 -12.27 -4.07
C CYS B 11 24.40 -11.03 -3.56
N ASP B 12 25.61 -11.23 -3.05
CA ASP B 12 26.40 -10.13 -2.50
C ASP B 12 26.76 -9.10 -3.57
N GLU B 13 26.95 -9.54 -4.82
CA GLU B 13 27.31 -8.61 -5.88
C GLU B 13 26.20 -7.60 -6.14
N ALA B 14 24.95 -8.05 -6.03
CA ALA B 14 23.81 -7.16 -6.28
C ALA B 14 23.72 -6.08 -5.21
N LYS B 15 23.92 -6.44 -3.94
CA LYS B 15 23.82 -5.45 -2.87
C LYS B 15 24.92 -4.41 -2.96
N GLU B 16 26.12 -4.79 -3.41
CA GLU B 16 27.19 -3.83 -3.60
C GLU B 16 26.84 -2.80 -4.67
N GLU B 17 26.22 -3.25 -5.76
CA GLU B 17 25.84 -2.32 -6.82
C GLU B 17 24.74 -1.37 -6.37
N LEU B 18 23.78 -1.86 -5.59
CA LEU B 18 22.68 -1.05 -5.11
C LEU B 18 23.06 -0.15 -3.94
N GLN B 19 24.25 -0.32 -3.37
CA GLN B 19 24.69 0.53 -2.26
C GLN B 19 24.73 2.00 -2.64
N GLU B 20 25.00 2.31 -3.91
CA GLU B 20 25.00 3.71 -4.35
C GLU B 20 23.63 4.34 -4.20
N LEU B 21 22.57 3.56 -4.49
CA LEU B 21 21.21 4.07 -4.33
C LEU B 21 20.89 4.38 -2.87
N VAL B 22 21.38 3.53 -1.95
CA VAL B 22 21.16 3.78 -0.52
C VAL B 22 21.87 5.06 -0.10
N GLU B 23 23.09 5.28 -0.60
CA GLU B 23 23.84 6.48 -0.26
C GLU B 23 23.10 7.74 -0.70
N PHE B 24 22.47 7.69 -1.88
CA PHE B 24 21.74 8.85 -2.38
C PHE B 24 20.46 9.07 -1.58
N LEU B 25 19.68 8.01 -1.35
CA LEU B 25 18.40 8.17 -0.68
C LEU B 25 18.55 8.65 0.76
N ARG B 26 19.66 8.33 1.41
CA ARG B 26 19.89 8.84 2.76
C ARG B 26 20.04 10.36 2.78
N ASN B 27 20.70 10.92 1.76
CA ASN B 27 20.91 12.36 1.70
C ASN B 27 21.11 12.75 0.24
N PRO B 28 20.01 13.01 -0.48
CA PRO B 28 20.14 13.40 -1.90
C PRO B 28 20.85 14.73 -2.09
N GLU B 29 20.71 15.66 -1.14
CA GLU B 29 21.38 16.95 -1.29
C GLU B 29 22.89 16.80 -1.17
N LYS B 30 23.35 16.08 -0.14
CA LYS B 30 24.78 15.87 0.03
C LYS B 30 25.34 14.99 -1.09
N PHE B 31 24.55 14.04 -1.59
CA PHE B 31 25.00 13.18 -2.68
C PHE B 31 25.18 13.99 -3.97
N SER B 32 24.24 14.88 -4.28
CA SER B 32 24.32 15.63 -5.53
C SER B 32 25.40 16.70 -5.46
N ASN B 33 25.69 17.23 -4.27
CA ASN B 33 26.72 18.25 -4.14
C ASN B 33 28.10 17.67 -4.41
N LEU B 34 28.29 16.38 -4.13
CA LEU B 34 29.56 15.69 -4.39
C LEU B 34 29.73 15.31 -5.86
N GLY B 35 28.84 15.77 -6.73
CA GLY B 35 28.93 15.48 -8.15
C GLY B 35 28.31 14.16 -8.58
N GLY B 36 27.99 13.27 -7.64
CA GLY B 36 27.45 11.98 -7.98
C GLY B 36 26.11 12.03 -8.67
N LYS B 37 26.01 11.39 -9.83
CA LYS B 37 24.76 11.27 -10.57
C LYS B 37 24.26 9.84 -10.49
N LEU B 38 22.94 9.69 -10.63
CA LEU B 38 22.33 8.38 -10.55
C LEU B 38 21.60 8.04 -11.84
N PRO B 39 21.54 6.76 -12.21
CA PRO B 39 20.60 6.34 -13.25
C PRO B 39 19.17 6.55 -12.75
N LYS B 40 18.29 6.91 -13.69
CA LYS B 40 16.90 7.13 -13.32
C LYS B 40 16.16 5.81 -13.10
N GLY B 41 16.38 4.84 -13.98
CA GLY B 41 15.79 3.53 -13.80
C GLY B 41 16.82 2.43 -13.73
N VAL B 42 16.70 1.55 -12.74
CA VAL B 42 17.61 0.43 -12.56
C VAL B 42 16.80 -0.85 -12.67
N LEU B 43 17.29 -1.78 -13.50
CA LEU B 43 16.62 -3.03 -13.78
C LEU B 43 17.19 -4.15 -12.92
N LEU B 44 16.32 -4.88 -12.24
CA LEU B 44 16.69 -6.09 -11.52
C LEU B 44 16.31 -7.30 -12.37
N VAL B 45 17.31 -8.10 -12.74
CA VAL B 45 17.16 -9.18 -13.69
C VAL B 45 17.41 -10.51 -12.97
N GLY B 46 16.45 -11.43 -13.08
CA GLY B 46 16.60 -12.74 -12.50
C GLY B 46 15.31 -13.54 -12.50
N PRO B 47 15.43 -14.85 -12.27
CA PRO B 47 14.24 -15.72 -12.24
C PRO B 47 13.37 -15.42 -11.03
N PRO B 48 12.14 -15.92 -11.00
CA PRO B 48 11.26 -15.65 -9.85
C PRO B 48 11.84 -16.23 -8.56
N GLY B 49 11.65 -15.49 -7.46
CA GLY B 49 12.02 -15.96 -6.15
C GLY B 49 13.48 -15.78 -5.79
N THR B 50 14.25 -15.06 -6.59
CA THR B 50 15.65 -14.82 -6.28
C THR B 50 15.85 -13.62 -5.37
N GLY B 51 14.79 -12.93 -4.98
CA GLY B 51 14.89 -11.81 -4.07
C GLY B 51 14.96 -10.44 -4.70
N LYS B 52 14.39 -10.25 -5.89
CA LYS B 52 14.41 -8.94 -6.51
C LYS B 52 13.53 -7.95 -5.74
N THR B 53 12.33 -8.38 -5.34
CA THR B 53 11.49 -7.53 -4.51
C THR B 53 12.11 -7.29 -3.14
N LEU B 54 12.75 -8.33 -2.57
CA LEU B 54 13.41 -8.19 -1.28
C LEU B 54 14.52 -7.16 -1.35
N LEU B 55 15.31 -7.16 -2.42
CA LEU B 55 16.37 -6.17 -2.58
C LEU B 55 15.79 -4.76 -2.62
N ALA B 56 14.74 -4.56 -3.43
CA ALA B 56 14.12 -3.24 -3.53
C ALA B 56 13.63 -2.76 -2.17
N ARG B 57 12.91 -3.62 -1.45
CA ARG B 57 12.48 -3.25 -0.10
C ARG B 57 13.68 -3.04 0.83
N ALA B 58 14.77 -3.78 0.62
CA ALA B 58 15.94 -3.60 1.45
C ALA B 58 16.62 -2.26 1.20
N VAL B 59 16.63 -1.81 -0.07
CA VAL B 59 17.21 -0.50 -0.38
C VAL B 59 16.42 0.60 0.31
N ALA B 60 15.09 0.49 0.32
CA ALA B 60 14.28 1.47 1.03
C ALA B 60 14.47 1.35 2.53
N GLY B 61 14.59 0.13 3.05
CA GLY B 61 14.79 -0.04 4.48
C GLY B 61 16.14 0.45 4.96
N GLU B 62 17.20 0.13 4.21
CA GLU B 62 18.53 0.62 4.56
C GLU B 62 18.60 2.13 4.53
N ALA B 63 17.95 2.75 3.53
CA ALA B 63 17.98 4.19 3.39
C ALA B 63 16.93 4.89 4.23
N GLY B 64 15.92 4.16 4.73
CA GLY B 64 14.87 4.77 5.52
C GLY B 64 13.95 5.67 4.71
N VAL B 65 13.51 5.22 3.55
CA VAL B 65 12.66 6.02 2.68
C VAL B 65 11.40 5.20 2.40
N PRO B 66 10.29 5.86 2.08
CA PRO B 66 9.06 5.13 1.76
C PRO B 66 9.25 4.23 0.55
N PHE B 67 8.46 3.16 0.50
CA PHE B 67 8.54 2.17 -0.56
C PHE B 67 7.16 2.07 -1.22
N PHE B 68 7.11 2.29 -2.52
CA PHE B 68 5.88 2.21 -3.28
C PHE B 68 5.96 1.03 -4.25
N TYR B 69 4.94 0.18 -4.20
CA TYR B 69 4.91 -1.05 -4.97
C TYR B 69 3.96 -0.91 -6.14
N MET B 70 4.34 -1.49 -7.27
CA MET B 70 3.53 -1.51 -8.48
C MET B 70 3.69 -2.87 -9.12
N SER B 71 2.58 -3.48 -9.49
CA SER B 71 2.58 -4.82 -10.08
C SER B 71 2.30 -4.67 -11.56
N GLY B 72 3.25 -5.10 -12.40
CA GLY B 72 3.03 -5.08 -13.83
C GLY B 72 1.86 -5.92 -14.29
N SER B 73 1.58 -7.02 -13.58
CA SER B 73 0.44 -7.85 -13.98
C SER B 73 -0.88 -7.20 -13.63
N GLU B 74 -0.93 -6.40 -12.56
CA GLU B 74 -2.16 -5.69 -12.22
C GLU B 74 -2.42 -4.53 -13.17
N PHE B 75 -1.37 -3.96 -13.75
CA PHE B 75 -1.50 -2.87 -14.70
C PHE B 75 -1.54 -3.34 -16.14
N ASP B 76 -1.53 -4.66 -16.37
CA ASP B 76 -1.70 -5.22 -17.71
C ASP B 76 -3.20 -5.39 -17.95
N GLU B 77 -3.83 -4.30 -18.39
CA GLU B 77 -5.28 -4.25 -18.48
C GLU B 77 -5.80 -5.13 -19.60
N ILE B 78 -6.91 -5.83 -19.35
CA ILE B 78 -7.56 -6.60 -20.41
C ILE B 78 -8.35 -5.68 -21.33
N TYR B 79 -8.81 -4.53 -20.82
CA TYR B 79 -9.31 -3.45 -21.65
C TYR B 79 -8.82 -2.13 -21.07
N VAL B 80 -8.57 -1.17 -21.97
CA VAL B 80 -7.99 0.10 -21.55
C VAL B 80 -8.90 0.78 -20.53
N GLY B 81 -8.35 1.05 -19.35
CA GLY B 81 -9.12 1.67 -18.29
C GLY B 81 -8.35 2.70 -17.49
N VAL B 82 -8.42 2.57 -16.17
CA VAL B 82 -7.89 3.60 -15.26
C VAL B 82 -6.42 3.34 -14.97
N GLY B 83 -5.81 2.39 -15.70
CA GLY B 83 -4.45 2.00 -15.39
C GLY B 83 -3.46 3.14 -15.58
N ALA B 84 -3.59 3.90 -16.66
CA ALA B 84 -2.68 5.01 -16.90
C ALA B 84 -2.85 6.09 -15.84
N LYS B 85 -4.07 6.31 -15.38
CA LYS B 85 -4.32 7.28 -14.31
C LYS B 85 -3.67 6.83 -13.01
N ARG B 86 -3.74 5.53 -12.71
CA ARG B 86 -3.13 5.02 -11.49
C ARG B 86 -1.61 5.15 -11.51
N VAL B 87 -1.01 5.10 -12.71
CA VAL B 87 0.44 5.30 -12.81
C VAL B 87 0.81 6.73 -12.43
N ARG B 88 0.03 7.71 -12.93
CA ARG B 88 0.30 9.10 -12.57
C ARG B 88 0.12 9.32 -11.07
N GLU B 89 -0.95 8.75 -10.51
CA GLU B 89 -1.23 8.93 -9.10
C GLU B 89 -0.16 8.26 -8.24
N LEU B 90 0.35 7.11 -8.68
CA LEU B 90 1.42 6.44 -7.94
C LEU B 90 2.67 7.29 -7.89
N PHE B 91 3.11 7.81 -9.04
CA PHE B 91 4.33 8.61 -9.08
C PHE B 91 4.12 9.96 -8.39
N ASN B 92 2.91 10.52 -8.46
CA ASN B 92 2.62 11.73 -7.70
C ASN B 92 2.73 11.48 -6.20
N ALA B 93 2.28 10.32 -5.74
CA ALA B 93 2.42 9.96 -4.33
C ALA B 93 3.89 9.77 -3.97
N ALA B 94 4.69 9.22 -4.89
CA ALA B 94 6.10 9.03 -4.62
C ALA B 94 6.84 10.37 -4.57
N LYS B 95 6.53 11.28 -5.49
CA LYS B 95 7.17 12.59 -5.48
C LYS B 95 6.84 13.36 -4.21
N ALA B 96 5.61 13.26 -3.73
CA ALA B 96 5.21 13.97 -2.52
C ALA B 96 5.93 13.47 -1.28
N LYS B 97 6.44 12.24 -1.29
CA LYS B 97 7.17 11.67 -0.17
C LYS B 97 8.65 11.43 -0.48
N ALA B 98 9.19 12.12 -1.48
CA ALA B 98 10.60 11.98 -1.83
C ALA B 98 11.49 12.43 -0.68
N PRO B 99 12.63 11.75 -0.48
CA PRO B 99 13.15 10.60 -1.24
C PRO B 99 12.33 9.34 -1.05
N SER B 100 12.16 8.56 -2.11
CA SER B 100 11.33 7.37 -2.07
C SER B 100 11.73 6.43 -3.20
N ILE B 101 11.19 5.23 -3.16
CA ILE B 101 11.46 4.19 -4.15
C ILE B 101 10.15 3.76 -4.78
N VAL B 102 10.13 3.69 -6.11
CA VAL B 102 9.05 3.06 -6.86
C VAL B 102 9.58 1.76 -7.43
N PHE B 103 8.98 0.65 -7.02
CA PHE B 103 9.37 -0.67 -7.49
C PHE B 103 8.28 -1.20 -8.41
N ILE B 104 8.64 -1.47 -9.66
CA ILE B 104 7.71 -1.99 -10.64
C ILE B 104 7.98 -3.48 -10.77
N ASP B 105 7.19 -4.28 -10.06
CA ASP B 105 7.26 -5.72 -10.16
C ASP B 105 6.63 -6.19 -11.47
N GLU B 106 7.16 -7.30 -11.99
CA GLU B 106 6.64 -7.93 -13.21
C GLU B 106 6.58 -6.94 -14.36
N LEU B 107 7.71 -6.26 -14.59
CA LEU B 107 7.80 -5.31 -15.70
C LEU B 107 7.56 -5.99 -17.04
N ASP B 108 7.79 -7.30 -17.13
CA ASP B 108 7.55 -8.02 -18.37
C ASP B 108 6.08 -7.96 -18.79
N ALA B 109 5.16 -7.80 -17.84
CA ALA B 109 3.75 -7.78 -18.19
C ALA B 109 3.38 -6.49 -18.92
N ILE B 110 3.90 -5.35 -18.44
CA ILE B 110 3.62 -4.08 -19.08
C ILE B 110 4.51 -3.87 -20.30
N GLY B 111 5.82 -4.04 -20.12
CA GLY B 111 6.78 -3.71 -21.15
C GLY B 111 7.13 -4.81 -22.14
N GLY B 112 6.28 -5.82 -22.23
CA GLY B 112 6.49 -6.85 -23.24
C GLY B 112 6.21 -6.31 -24.62
N ARG B 113 7.15 -6.49 -25.54
CA ARG B 113 6.99 -5.98 -26.89
C ARG B 113 6.06 -6.89 -27.69
N ARG B 114 5.30 -6.29 -28.60
CA ARG B 114 4.36 -7.04 -29.43
C ARG B 114 4.13 -6.33 -30.77
N TYR B 121 -0.99 -1.52 -30.46
CA TYR B 121 -1.51 -2.31 -29.36
C TYR B 121 -2.33 -1.47 -28.40
N VAL B 122 -2.01 -0.17 -28.35
CA VAL B 122 -2.66 0.79 -27.47
C VAL B 122 -2.55 0.33 -26.03
N ARG B 123 -1.35 0.36 -25.48
CA ARG B 123 -1.08 0.02 -24.08
C ARG B 123 -0.84 1.33 -23.34
N GLN B 124 -1.90 1.87 -22.74
CA GLN B 124 -1.84 3.18 -22.11
C GLN B 124 -0.90 3.18 -20.90
N THR B 125 -0.85 2.07 -20.16
CA THR B 125 -0.02 2.02 -18.96
C THR B 125 1.45 2.13 -19.30
N LEU B 126 1.91 1.44 -20.35
CA LEU B 126 3.32 1.49 -20.71
C LEU B 126 3.73 2.90 -21.12
N ASN B 127 2.93 3.54 -21.97
CA ASN B 127 3.26 4.90 -22.41
C ASN B 127 3.25 5.87 -21.23
N GLN B 128 2.35 5.66 -20.27
CA GLN B 128 2.32 6.53 -19.09
C GLN B 128 3.57 6.37 -18.24
N LEU B 129 4.02 5.13 -18.07
CA LEU B 129 5.28 4.89 -17.35
C LEU B 129 6.44 5.60 -18.03
N LEU B 130 6.50 5.54 -19.36
CA LEU B 130 7.56 6.24 -20.09
C LEU B 130 7.46 7.74 -19.90
N THR B 131 6.24 8.27 -19.83
CA THR B 131 6.06 9.70 -19.61
C THR B 131 6.53 10.12 -18.23
N GLU B 132 6.19 9.34 -17.20
CA GLU B 132 6.58 9.69 -15.84
C GLU B 132 8.09 9.66 -15.68
N MET B 133 8.76 8.65 -16.27
CA MET B 133 10.20 8.58 -16.19
C MET B 133 10.85 9.79 -16.86
N ASP B 134 10.41 10.12 -18.07
CA ASP B 134 10.97 11.27 -18.77
C ASP B 134 10.71 12.58 -18.05
N GLY B 135 9.67 12.65 -17.23
CA GLY B 135 9.39 13.88 -16.51
C GLY B 135 10.22 14.09 -15.25
N PHE B 136 10.95 13.06 -14.84
CA PHE B 136 11.83 13.14 -13.68
C PHE B 136 13.13 13.84 -14.05
N ALA B 137 13.44 14.92 -13.34
CA ALA B 137 14.74 15.55 -13.54
C ALA B 137 15.78 14.77 -12.74
N GLN B 138 17.04 14.94 -13.12
CA GLN B 138 18.10 14.12 -12.54
C GLN B 138 18.20 14.35 -11.04
N ASN B 139 18.33 13.24 -10.30
CA ASN B 139 18.37 13.27 -8.83
C ASN B 139 17.11 13.92 -8.26
N SER B 140 15.95 13.60 -8.86
CA SER B 140 14.67 14.06 -8.36
C SER B 140 14.35 13.53 -6.97
N GLY B 141 15.06 12.49 -6.53
CA GLY B 141 14.83 11.85 -5.26
C GLY B 141 13.93 10.64 -5.32
N VAL B 142 13.31 10.39 -6.48
CA VAL B 142 12.46 9.22 -6.68
C VAL B 142 13.28 8.20 -7.46
N ILE B 143 13.50 7.03 -6.87
CA ILE B 143 14.23 5.95 -7.50
C ILE B 143 13.24 4.93 -8.05
N ILE B 144 13.46 4.53 -9.31
CA ILE B 144 12.57 3.59 -9.99
C ILE B 144 13.33 2.28 -10.19
N LEU B 145 12.85 1.23 -9.53
CA LEU B 145 13.42 -0.11 -9.66
C LEU B 145 12.45 -1.00 -10.44
N GLY B 146 12.93 -1.60 -11.52
CA GLY B 146 12.13 -2.47 -12.36
C GLY B 146 12.65 -3.90 -12.32
N ALA B 147 11.72 -4.84 -12.10
CA ALA B 147 12.05 -6.24 -12.02
C ALA B 147 11.57 -6.96 -13.28
N THR B 148 12.44 -7.81 -13.84
CA THR B 148 12.12 -8.58 -15.03
C THR B 148 12.95 -9.87 -15.01
N ASN B 149 12.38 -10.93 -15.58
CA ASN B 149 13.14 -12.16 -15.76
C ASN B 149 13.84 -12.23 -17.10
N PHE B 150 13.36 -11.48 -18.10
CA PHE B 150 13.92 -11.53 -19.46
C PHE B 150 14.04 -10.12 -20.00
N PRO B 151 15.15 -9.43 -19.74
CA PRO B 151 15.33 -8.08 -20.27
C PRO B 151 15.35 -8.04 -21.79
N GLU B 152 15.65 -9.17 -22.44
CA GLU B 152 15.54 -9.24 -23.89
C GLU B 152 14.08 -9.18 -24.35
N SER B 153 13.15 -9.60 -23.49
CA SER B 153 11.73 -9.58 -23.82
C SER B 153 11.08 -8.22 -23.58
N LEU B 154 11.80 -7.28 -22.99
CA LEU B 154 11.24 -5.96 -22.73
C LEU B 154 11.15 -5.15 -24.02
N ASP B 155 10.18 -4.22 -24.04
CA ASP B 155 10.09 -3.29 -25.16
C ASP B 155 11.33 -2.42 -25.20
N LYS B 156 11.79 -2.13 -26.42
CA LYS B 156 13.04 -1.40 -26.59
C LYS B 156 12.99 -0.02 -25.97
N ALA B 157 11.80 0.56 -25.83
CA ALA B 157 11.68 1.90 -25.24
C ALA B 157 12.06 1.93 -23.78
N LEU B 158 11.87 0.83 -23.04
CA LEU B 158 12.15 0.83 -21.61
C LEU B 158 13.64 0.88 -21.33
N THR B 159 14.45 0.21 -22.16
CA THR B 159 15.88 0.09 -21.91
C THR B 159 16.70 1.14 -22.65
N ARG B 160 16.05 2.14 -23.23
CA ARG B 160 16.77 3.20 -23.90
C ARG B 160 17.56 4.03 -22.89
N PRO B 161 18.64 4.69 -23.35
CA PRO B 161 19.39 5.55 -22.44
C PRO B 161 18.51 6.63 -21.82
N GLY B 162 18.68 6.86 -20.52
CA GLY B 162 17.85 7.77 -19.77
C GLY B 162 16.67 7.13 -19.07
N ARG B 163 16.47 5.82 -19.24
CA ARG B 163 15.37 5.12 -18.58
C ARG B 163 16.00 3.96 -17.81
N PHE B 164 15.63 2.71 -18.13
CA PHE B 164 16.24 1.54 -17.47
C PHE B 164 17.51 1.15 -18.22
N ASP B 165 18.55 1.96 -18.02
CA ASP B 165 19.83 1.78 -18.68
C ASP B 165 20.89 1.16 -17.76
N ARG B 166 20.49 0.68 -16.59
CA ARG B 166 21.39 -0.03 -15.69
C ARG B 166 20.74 -1.34 -15.26
N HIS B 167 21.45 -2.44 -15.46
CA HIS B 167 20.97 -3.77 -15.12
C HIS B 167 21.73 -4.31 -13.92
N VAL B 168 21.01 -4.97 -13.02
CA VAL B 168 21.61 -5.68 -11.89
C VAL B 168 21.06 -7.09 -11.90
N HIS B 169 21.95 -8.07 -12.06
CA HIS B 169 21.54 -9.46 -12.13
C HIS B 169 21.35 -10.05 -10.74
N VAL B 170 20.23 -10.76 -10.56
CA VAL B 170 19.91 -11.43 -9.30
C VAL B 170 19.69 -12.89 -9.66
N SER B 171 20.77 -13.67 -9.68
CA SER B 171 20.75 -15.03 -10.20
C SER B 171 20.29 -16.02 -9.13
N LEU B 172 20.15 -17.27 -9.53
CA LEU B 172 19.85 -18.33 -8.58
C LEU B 172 21.04 -18.54 -7.66
N PRO B 173 20.82 -18.76 -6.37
CA PRO B 173 21.94 -18.86 -5.43
C PRO B 173 22.76 -20.12 -5.67
N ASP B 174 24.08 -20.00 -5.47
CA ASP B 174 24.94 -21.16 -5.48
C ASP B 174 24.79 -21.93 -4.17
N VAL B 175 25.58 -23.00 -4.00
CA VAL B 175 25.45 -23.83 -2.82
C VAL B 175 25.76 -23.03 -1.55
N ARG B 176 26.75 -22.14 -1.62
CA ARG B 176 27.06 -21.30 -0.47
C ARG B 176 25.92 -20.35 -0.16
N GLY B 177 25.31 -19.76 -1.19
CA GLY B 177 24.17 -18.88 -0.96
C GLY B 177 22.97 -19.62 -0.41
N ARG B 178 22.72 -20.83 -0.92
CA ARG B 178 21.60 -21.63 -0.42
C ARG B 178 21.79 -21.97 1.05
N ILE B 179 23.03 -22.24 1.47
CA ILE B 179 23.32 -22.44 2.89
C ILE B 179 22.94 -21.19 3.68
N ALA B 180 23.37 -20.03 3.21
CA ALA B 180 23.08 -18.78 3.92
C ALA B 180 21.59 -18.49 3.95
N ILE B 181 20.88 -18.76 2.84
CA ILE B 181 19.45 -18.50 2.80
C ILE B 181 18.70 -19.42 3.74
N LEU B 182 19.01 -20.72 3.70
CA LEU B 182 18.36 -21.68 4.58
C LEU B 182 18.60 -21.35 6.05
N LYS B 183 19.85 -21.03 6.40
CA LYS B 183 20.18 -20.71 7.79
C LYS B 183 19.44 -19.46 8.25
N HIS B 184 19.32 -18.46 7.38
CA HIS B 184 18.67 -17.21 7.77
C HIS B 184 17.22 -17.43 8.14
N HIS B 185 16.48 -18.15 7.29
CA HIS B 185 15.07 -18.42 7.58
C HIS B 185 14.88 -19.46 8.67
N ALA B 186 15.87 -20.32 8.91
CA ALA B 186 15.79 -21.27 10.01
C ALA B 186 15.95 -20.59 11.37
N LYS B 187 16.35 -19.32 11.41
CA LYS B 187 16.40 -18.58 12.66
C LYS B 187 15.03 -18.45 13.31
N LYS B 188 13.96 -18.55 12.53
CA LYS B 188 12.60 -18.35 13.03
C LYS B 188 11.95 -19.65 13.51
N ILE B 189 12.67 -20.77 13.48
CA ILE B 189 12.15 -22.06 13.90
C ILE B 189 13.09 -22.66 14.94
N LYS B 190 12.55 -23.60 15.71
CA LYS B 190 13.35 -24.35 16.69
C LYS B 190 14.06 -25.47 15.95
N ILE B 191 15.35 -25.28 15.68
CA ILE B 191 16.13 -26.23 14.90
C ILE B 191 16.47 -27.44 15.75
N GLY B 192 16.33 -28.63 15.17
CA GLY B 192 16.61 -29.86 15.89
C GLY B 192 18.10 -30.14 16.02
N SER B 193 18.41 -31.21 16.77
CA SER B 193 19.79 -31.54 17.06
C SER B 193 20.50 -32.25 15.91
N ASP B 194 19.76 -32.83 14.96
CA ASP B 194 20.34 -33.58 13.86
C ASP B 194 20.26 -32.85 12.53
N VAL B 195 19.84 -31.57 12.53
CA VAL B 195 19.64 -30.85 11.28
C VAL B 195 20.97 -30.56 10.61
N ASN B 196 21.09 -30.95 9.35
CA ASN B 196 22.26 -30.65 8.52
C ASN B 196 21.78 -29.81 7.35
N ILE B 197 21.88 -28.48 7.49
CA ILE B 197 21.42 -27.57 6.45
C ILE B 197 22.28 -27.71 5.19
N ALA B 198 23.55 -28.02 5.35
CA ALA B 198 24.44 -28.18 4.19
C ALA B 198 23.97 -29.32 3.29
N ALA B 199 23.44 -30.40 3.88
CA ALA B 199 22.90 -31.49 3.08
C ALA B 199 21.70 -31.02 2.27
N ILE B 200 20.85 -30.18 2.86
CA ILE B 200 19.70 -29.66 2.14
C ILE B 200 20.14 -28.76 0.99
N ALA B 201 21.09 -27.86 1.26
CA ALA B 201 21.57 -26.96 0.21
C ALA B 201 22.23 -27.73 -0.93
N ALA B 202 22.89 -28.85 -0.63
CA ALA B 202 23.51 -29.65 -1.67
C ALA B 202 22.50 -30.42 -2.50
N ARG B 203 21.28 -30.59 -1.98
CA ARG B 203 20.22 -31.32 -2.67
C ARG B 203 19.18 -30.39 -3.30
N THR B 204 19.44 -29.08 -3.31
CA THR B 204 18.49 -28.10 -3.83
C THR B 204 19.14 -27.20 -4.87
N SER B 205 20.10 -27.72 -5.63
CA SER B 205 20.76 -26.94 -6.66
C SER B 205 19.78 -26.60 -7.77
N GLY B 206 19.60 -25.31 -8.03
CA GLY B 206 18.64 -24.83 -9.01
C GLY B 206 17.40 -24.20 -8.39
N LEU B 207 17.24 -24.29 -7.08
CA LEU B 207 16.10 -23.68 -6.40
C LEU B 207 16.38 -22.22 -6.09
N SER B 208 15.32 -21.42 -6.08
CA SER B 208 15.43 -20.02 -5.74
C SER B 208 15.34 -19.83 -4.23
N GLY B 209 15.68 -18.62 -3.77
CA GLY B 209 15.57 -18.31 -2.35
C GLY B 209 14.15 -18.43 -1.83
N ALA B 210 13.16 -18.16 -2.67
CA ALA B 210 11.77 -18.32 -2.25
C ALA B 210 11.42 -19.78 -2.01
N GLU B 211 11.85 -20.67 -2.91
CA GLU B 211 11.59 -22.09 -2.72
C GLU B 211 12.33 -22.63 -1.51
N LEU B 212 13.55 -22.14 -1.27
CA LEU B 212 14.29 -22.55 -0.08
C LEU B 212 13.59 -22.10 1.19
N GLU B 213 13.06 -20.88 1.20
CA GLU B 213 12.30 -20.41 2.35
C GLU B 213 11.06 -21.26 2.57
N ASN B 214 10.37 -21.64 1.50
CA ASN B 214 9.21 -22.51 1.62
CA ASN B 214 9.20 -22.50 1.64
C ASN B 214 9.58 -23.85 2.24
N ILE B 215 10.81 -24.32 1.98
CA ILE B 215 11.26 -25.58 2.56
C ILE B 215 11.33 -25.46 4.08
N VAL B 216 11.91 -24.36 4.57
CA VAL B 216 12.04 -24.15 6.01
C VAL B 216 10.66 -24.07 6.65
N ASN B 217 9.75 -23.31 6.05
CA ASN B 217 8.43 -23.13 6.64
C ASN B 217 7.61 -24.42 6.59
N GLN B 218 7.72 -25.18 5.50
CA GLN B 218 6.97 -26.43 5.42
C GLN B 218 7.53 -27.49 6.36
N ALA B 219 8.84 -27.46 6.62
CA ALA B 219 9.42 -28.38 7.58
C ALA B 219 8.88 -28.11 8.99
N ALA B 220 8.71 -26.84 9.33
CA ALA B 220 8.16 -26.48 10.63
C ALA B 220 6.70 -26.92 10.74
N VAL B 221 5.92 -26.72 9.67
CA VAL B 221 4.52 -27.15 9.67
C VAL B 221 4.44 -28.67 9.81
N HIS B 222 5.28 -29.40 9.06
CA HIS B 222 5.28 -30.85 9.14
C HIS B 222 5.71 -31.31 10.53
N ALA B 223 6.69 -30.63 11.12
CA ALA B 223 7.11 -30.98 12.47
C ALA B 223 6.01 -30.70 13.48
N SER B 224 5.24 -29.63 13.27
CA SER B 224 4.13 -29.32 14.18
C SER B 224 3.02 -30.36 14.06
N LYS B 225 2.74 -30.82 12.83
CA LYS B 225 1.71 -31.83 12.67
C LYS B 225 2.08 -33.14 13.36
N GLU B 226 3.36 -33.50 13.32
CA GLU B 226 3.85 -34.67 14.05
C GLU B 226 4.07 -34.39 15.53
N LYS B 227 3.80 -33.17 15.99
CA LYS B 227 3.94 -32.79 17.40
C LYS B 227 5.37 -32.95 17.89
N ALA B 228 6.34 -32.83 16.99
CA ALA B 228 7.73 -32.93 17.37
C ALA B 228 8.16 -31.74 18.22
N LYS B 229 9.11 -31.99 19.12
CA LYS B 229 9.61 -30.92 19.98
C LYS B 229 10.42 -29.90 19.21
N ALA B 230 11.00 -30.30 18.07
CA ALA B 230 11.79 -29.39 17.26
C ALA B 230 11.79 -29.90 15.82
N VAL B 231 12.14 -29.01 14.91
CA VAL B 231 12.18 -29.35 13.48
C VAL B 231 13.46 -30.15 13.23
N MET B 232 13.28 -31.40 12.80
CA MET B 232 14.38 -32.33 12.62
C MET B 232 14.77 -32.41 11.14
N GLN B 233 15.84 -33.17 10.87
CA GLN B 233 16.32 -33.31 9.49
C GLN B 233 15.30 -34.01 8.61
N ALA B 234 14.58 -35.01 9.16
CA ALA B 234 13.56 -35.70 8.39
C ALA B 234 12.47 -34.74 7.94
N HIS B 235 12.15 -33.73 8.75
CA HIS B 235 11.16 -32.73 8.35
C HIS B 235 11.70 -31.86 7.23
N PHE B 236 13.00 -31.53 7.26
CA PHE B 236 13.60 -30.80 6.16
C PHE B 236 13.61 -31.63 4.89
N GLU B 237 13.93 -32.92 5.01
CA GLU B 237 13.91 -33.80 3.84
C GLU B 237 12.53 -33.92 3.24
N TRP B 238 11.50 -34.02 4.10
CA TRP B 238 10.13 -34.09 3.61
C TRP B 238 9.74 -32.81 2.89
N ALA B 239 10.03 -31.66 3.50
CA ALA B 239 9.68 -30.38 2.88
C ALA B 239 10.46 -30.16 1.59
N LYS B 240 11.74 -30.56 1.57
CA LYS B 240 12.53 -30.45 0.35
C LYS B 240 11.92 -31.27 -0.78
N ASP B 241 11.57 -32.53 -0.51
CA ASP B 241 10.97 -33.38 -1.52
C ASP B 241 9.61 -32.84 -1.97
N LYS B 242 8.85 -32.23 -1.06
CA LYS B 242 7.54 -31.69 -1.42
C LYS B 242 7.69 -30.51 -2.39
N VAL B 243 8.70 -29.66 -2.18
CA VAL B 243 8.88 -28.54 -3.09
C VAL B 243 9.37 -29.02 -4.46
N ILE B 244 10.25 -30.02 -4.47
CA ILE B 244 10.76 -30.55 -5.72
C ILE B 244 9.72 -31.45 -6.39
N MET B 245 9.02 -32.27 -5.62
CA MET B 245 8.02 -33.22 -6.11
C MET B 245 8.66 -34.26 -7.01
#